data_2V0P
#
_entry.id   2V0P
#
_cell.length_a   44.633
_cell.length_b   48.308
_cell.length_c   71.960
_cell.angle_alpha   81.31
_cell.angle_beta   87.94
_cell.angle_gamma   69.83
#
_symmetry.space_group_name_H-M   'P 1'
#
loop_
_entity.id
_entity.type
_entity.pdbx_description
1 polymer 'TYPE 2A PHOSPHATASE-ASSOCIATED PROTEIN 42'
2 non-polymer 'ZINC ION'
3 water water
#
_entity_poly.entity_id   1
_entity_poly.type   'polypeptide(L)'
_entity_poly.pdbx_seq_one_letter_code
;(MSE)ASVTEQFNDIISLYSTKLEHTSLRQDSPEYQGLLLSTIKKLLNLKTAIFDRLALFSTNETIDDVSTASIKFLAVD
YYLGLLISRRQSNDSDVAQRQS(MSE)KLIYLKKSVESFINFLTLLQDYKLLDPLVGEKLGNFKDRYNPQLSELYAQPKN
NKDLSGAQLKRKEKIELFQRNKEISTKLHCLELELKNNDEDHDHDELLRELYL(MSE)RLHHFSLDTINNIEQNLFECE
(MSE)LSNFLK
;
_entity_poly.pdbx_strand_id   A,B
#
# COMPACT_ATOMS: atom_id res chain seq x y z
N ALA A 2 -29.24 4.65 -31.91
CA ALA A 2 -28.44 5.49 -32.86
C ALA A 2 -27.30 5.09 -33.85
N SER A 3 -26.92 3.84 -34.03
CA SER A 3 -27.30 2.68 -33.23
C SER A 3 -26.47 2.56 -31.93
N VAL A 4 -27.00 1.85 -30.96
CA VAL A 4 -26.30 1.39 -29.78
C VAL A 4 -24.88 0.88 -30.05
N THR A 5 -24.69 0.09 -31.12
CA THR A 5 -23.39 -0.40 -31.47
C THR A 5 -22.37 0.68 -31.87
N GLU A 6 -22.84 1.65 -32.62
CA GLU A 6 -22.00 2.71 -33.13
C GLU A 6 -21.60 3.56 -31.93
N GLN A 7 -22.59 3.86 -31.09
CA GLN A 7 -22.44 4.59 -29.90
C GLN A 7 -21.39 3.94 -28.96
N PHE A 8 -21.57 2.65 -28.70
CA PHE A 8 -20.56 1.86 -27.95
C PHE A 8 -19.18 1.87 -28.51
N ASN A 9 -19.09 1.62 -29.81
CA ASN A 9 -17.85 1.71 -30.56
C ASN A 9 -17.15 3.07 -30.46
N ASP A 10 -17.91 4.16 -30.57
CA ASP A 10 -17.32 5.50 -30.38
C ASP A 10 -16.79 5.69 -28.96
N ILE A 11 -17.53 5.24 -27.97
CA ILE A 11 -17.14 5.31 -26.57
C ILE A 11 -15.80 4.58 -26.39
N ILE A 12 -15.69 3.38 -26.96
CA ILE A 12 -14.55 2.55 -26.68
C ILE A 12 -13.32 3.15 -27.33
N SER A 13 -13.53 3.72 -28.51
CA SER A 13 -12.50 4.42 -29.23
C SER A 13 -11.99 5.67 -28.48
N LEU A 14 -12.90 6.44 -27.87
CA LEU A 14 -12.49 7.61 -27.11
C LEU A 14 -11.62 7.14 -25.95
N TYR A 15 -12.04 6.11 -25.28
CA TYR A 15 -11.31 5.48 -24.21
C TYR A 15 -9.89 5.11 -24.64
N SER A 16 -9.76 4.28 -25.68
CA SER A 16 -8.45 3.80 -26.11
C SER A 16 -7.52 4.85 -26.64
N THR A 17 -8.07 5.83 -27.35
CA THR A 17 -7.27 6.79 -28.01
C THR A 17 -6.91 7.99 -27.12
N LYS A 18 -7.77 8.32 -26.17
CA LYS A 18 -7.64 9.59 -25.44
C LYS A 18 -7.78 9.52 -23.95
N LEU A 19 -8.43 8.51 -23.42
CA LEU A 19 -8.70 8.48 -22.01
C LEU A 19 -7.90 7.42 -21.26
N GLU A 20 -7.58 6.30 -21.91
CA GLU A 20 -6.79 5.27 -21.26
C GLU A 20 -5.44 5.81 -20.77
N HIS A 21 -4.73 6.45 -21.69
CA HIS A 21 -3.47 7.11 -21.42
C HIS A 21 -3.68 8.49 -22.00
N THR A 22 -3.10 9.49 -21.35
CA THR A 22 -3.08 10.84 -21.89
C THR A 22 -1.69 11.48 -21.76
N SER A 23 -1.37 12.35 -22.70
CA SER A 23 -0.22 13.27 -22.71
C SER A 23 -0.55 14.59 -22.01
N LEU A 24 -1.84 14.84 -21.77
CA LEU A 24 -2.31 16.01 -21.04
C LEU A 24 -2.26 15.76 -19.55
N ARG A 25 -2.40 16.80 -18.74
CA ARG A 25 -2.57 16.59 -17.31
C ARG A 25 -3.93 15.95 -16.98
N GLN A 26 -3.92 15.00 -16.05
CA GLN A 26 -5.12 14.30 -15.71
C GLN A 26 -6.04 15.22 -14.91
N ASP A 27 -5.49 16.22 -14.24
CA ASP A 27 -6.38 17.19 -13.59
C ASP A 27 -6.86 18.25 -14.59
N SER A 28 -6.50 18.14 -15.86
CA SER A 28 -6.81 19.16 -16.84
C SER A 28 -8.33 19.21 -17.14
N PRO A 29 -8.86 20.41 -17.33
CA PRO A 29 -10.30 20.42 -17.66
C PRO A 29 -10.58 19.81 -19.01
N GLU A 30 -9.59 19.79 -19.89
CA GLU A 30 -9.69 19.20 -21.21
C GLU A 30 -9.80 17.69 -21.01
N TYR A 31 -8.93 17.08 -20.19
CA TYR A 31 -9.08 15.65 -19.91
C TYR A 31 -10.37 15.29 -19.14
N GLN A 32 -10.64 15.95 -18.03
CA GLN A 32 -11.75 15.57 -17.20
C GLN A 32 -13.09 15.83 -17.97
N GLY A 33 -13.08 16.89 -18.78
CA GLY A 33 -14.19 17.33 -19.59
C GLY A 33 -14.63 16.23 -20.54
N LEU A 34 -13.71 15.70 -21.34
CA LEU A 34 -13.96 14.54 -22.24
C LEU A 34 -14.32 13.28 -21.47
N LEU A 35 -13.65 13.08 -20.33
CA LEU A 35 -13.93 11.92 -19.53
C LEU A 35 -15.37 11.94 -19.01
N LEU A 36 -15.77 13.07 -18.45
CA LEU A 36 -17.09 13.26 -17.97
C LEU A 36 -18.14 13.09 -19.07
N SER A 37 -17.92 13.60 -20.24
CA SER A 37 -18.98 13.48 -21.28
C SER A 37 -19.04 12.05 -21.79
N THR A 38 -17.88 11.39 -21.85
CA THR A 38 -17.84 9.99 -22.17
C THR A 38 -18.62 9.14 -21.20
N ILE A 39 -18.42 9.36 -19.93
CA ILE A 39 -19.18 8.64 -18.96
C ILE A 39 -20.66 8.90 -19.09
N LYS A 40 -21.05 10.17 -19.25
CA LYS A 40 -22.45 10.51 -19.38
C LYS A 40 -23.09 9.71 -20.57
N LYS A 41 -22.41 9.67 -21.70
CA LYS A 41 -22.80 8.89 -22.87
C LYS A 41 -22.94 7.41 -22.60
N LEU A 42 -21.95 6.85 -21.90
CA LEU A 42 -22.02 5.43 -21.56
C LEU A 42 -23.14 5.11 -20.57
N LEU A 43 -23.45 6.03 -19.66
CA LEU A 43 -24.50 5.83 -18.71
C LEU A 43 -25.83 5.83 -19.50
N ASN A 44 -25.92 6.74 -20.44
CA ASN A 44 -27.11 6.87 -21.27
C ASN A 44 -27.30 5.61 -22.08
N LEU A 45 -26.17 5.02 -22.51
CA LEU A 45 -26.16 3.78 -23.33
C LEU A 45 -26.59 2.56 -22.56
N LYS A 46 -26.06 2.43 -21.33
CA LYS A 46 -26.54 1.43 -20.46
C LYS A 46 -28.05 1.44 -20.28
N THR A 47 -28.63 2.60 -19.99
CA THR A 47 -30.09 2.77 -19.90
C THR A 47 -30.84 2.32 -21.19
N ALA A 48 -30.36 2.81 -22.32
CA ALA A 48 -30.86 2.46 -23.62
C ALA A 48 -30.84 0.92 -23.85
N ILE A 49 -29.70 0.29 -23.66
CA ILE A 49 -29.53 -1.15 -23.85
C ILE A 49 -30.18 -2.00 -22.77
N PHE A 50 -29.76 -1.87 -21.51
CA PHE A 50 -30.32 -2.66 -20.41
C PHE A 50 -31.78 -2.29 -20.02
N ASP A 51 -32.14 -1.01 -19.89
CA ASP A 51 -33.50 -0.64 -19.44
C ASP A 51 -34.57 -0.61 -20.54
N ARG A 52 -34.25 0.08 -21.62
CA ARG A 52 -35.25 0.45 -22.62
C ARG A 52 -35.44 -0.56 -23.76
N LEU A 53 -34.34 -1.13 -24.24
CA LEU A 53 -34.38 -2.34 -25.10
C LEU A 53 -34.47 -3.55 -24.20
N ALA A 54 -34.00 -3.37 -22.97
CA ALA A 54 -33.96 -4.39 -21.93
C ALA A 54 -33.34 -5.73 -22.34
N LEU A 55 -32.13 -5.69 -22.90
CA LEU A 55 -31.47 -6.91 -23.36
C LEU A 55 -30.90 -7.70 -22.18
N THR A 61 -29.35 -17.48 -20.69
CA THR A 61 -28.05 -18.03 -21.13
C THR A 61 -27.37 -17.18 -22.22
N ILE A 62 -26.04 -17.24 -22.29
CA ILE A 62 -25.34 -16.56 -23.38
C ILE A 62 -25.81 -17.05 -24.77
N ASP A 63 -26.34 -18.27 -24.88
CA ASP A 63 -26.90 -18.72 -26.19
C ASP A 63 -27.95 -17.71 -26.71
N ASP A 64 -28.50 -16.92 -25.79
CA ASP A 64 -29.69 -16.11 -26.12
C ASP A 64 -29.33 -14.74 -26.66
N VAL A 65 -28.03 -14.48 -26.70
CA VAL A 65 -27.52 -13.20 -27.03
C VAL A 65 -26.91 -13.27 -28.41
N SER A 66 -27.35 -12.34 -29.24
CA SER A 66 -26.90 -12.30 -30.59
C SER A 66 -25.51 -11.76 -30.60
N THR A 67 -24.77 -12.03 -31.66
CA THR A 67 -23.31 -11.87 -31.57
C THR A 67 -22.91 -10.45 -31.29
N ALA A 68 -23.52 -9.49 -31.98
CA ALA A 68 -23.13 -8.13 -31.86
C ALA A 68 -23.56 -7.51 -30.50
N SER A 69 -24.48 -8.13 -29.78
CA SER A 69 -24.97 -7.72 -28.49
C SER A 69 -24.00 -8.13 -27.33
N ILE A 70 -23.05 -9.00 -27.64
CA ILE A 70 -22.24 -9.63 -26.62
C ILE A 70 -21.33 -8.49 -26.06
N LYS A 71 -20.87 -7.60 -26.93
CA LYS A 71 -20.06 -6.42 -26.63
C LYS A 71 -20.57 -5.68 -25.39
N PHE A 72 -21.90 -5.55 -25.32
CA PHE A 72 -22.58 -4.72 -24.35
C PHE A 72 -22.50 -5.26 -22.93
N LEU A 73 -22.25 -6.52 -22.75
CA LEU A 73 -22.10 -7.08 -21.43
C LEU A 73 -20.88 -6.33 -20.79
N ALA A 74 -20.04 -5.75 -21.62
CA ALA A 74 -18.88 -4.92 -21.06
C ALA A 74 -19.12 -3.43 -20.69
N VAL A 75 -20.34 -2.96 -20.81
CA VAL A 75 -20.64 -1.58 -20.48
C VAL A 75 -20.19 -1.25 -19.01
N ASP A 76 -20.50 -2.08 -18.04
CA ASP A 76 -20.04 -1.81 -16.70
C ASP A 76 -18.52 -1.87 -16.55
N TYR A 77 -17.83 -2.72 -17.34
CA TYR A 77 -16.41 -2.77 -17.32
C TYR A 77 -15.85 -1.37 -17.72
N TYR A 78 -16.39 -0.82 -18.82
CA TYR A 78 -15.89 0.39 -19.35
C TYR A 78 -16.24 1.58 -18.36
N LEU A 79 -17.37 1.54 -17.70
CA LEU A 79 -17.73 2.50 -16.70
C LEU A 79 -16.69 2.42 -15.55
N GLY A 80 -16.37 1.20 -15.12
CA GLY A 80 -15.27 0.98 -14.16
C GLY A 80 -13.99 1.69 -14.50
N LEU A 81 -13.53 1.49 -15.70
CA LEU A 81 -12.33 2.05 -16.20
C LEU A 81 -12.38 3.61 -16.29
N LEU A 82 -13.50 4.13 -16.77
CA LEU A 82 -13.61 5.57 -16.93
C LEU A 82 -13.74 6.29 -15.62
N ILE A 83 -14.61 5.82 -14.74
CA ILE A 83 -14.85 6.42 -13.47
C ILE A 83 -13.57 6.44 -12.59
N SER A 84 -12.77 5.39 -12.61
CA SER A 84 -11.57 5.39 -11.75
C SER A 84 -10.61 6.54 -12.09
N ARG A 85 -10.85 7.17 -13.26
CA ARG A 85 -9.97 8.16 -13.79
C ARG A 85 -10.42 9.64 -13.52
N ARG A 86 -11.62 9.80 -12.99
CA ARG A 86 -12.20 11.09 -12.64
C ARG A 86 -11.43 11.71 -11.48
N GLN A 87 -11.30 13.02 -11.52
CA GLN A 87 -10.73 13.79 -10.43
C GLN A 87 -11.49 15.10 -10.27
N SER A 88 -11.59 15.57 -9.05
CA SER A 88 -12.22 16.87 -8.80
C SER A 88 -11.19 17.97 -8.90
N ASN A 89 -11.63 19.17 -9.25
CA ASN A 89 -10.79 20.37 -9.23
C ASN A 89 -11.27 21.43 -8.23
N ASP A 90 -12.26 21.06 -7.43
CA ASP A 90 -12.75 21.89 -6.36
C ASP A 90 -11.59 22.56 -5.60
N SER A 91 -11.71 23.85 -5.32
CA SER A 91 -10.66 24.57 -4.57
C SER A 91 -10.51 24.02 -3.16
N ASP A 92 -11.62 23.51 -2.62
CA ASP A 92 -11.63 22.89 -1.29
C ASP A 92 -10.87 21.57 -1.34
N VAL A 93 -9.76 21.54 -0.62
CA VAL A 93 -8.89 20.34 -0.60
C VAL A 93 -9.57 19.09 -0.02
N ALA A 94 -10.33 19.22 1.05
CA ALA A 94 -11.07 18.09 1.62
C ALA A 94 -12.07 17.51 0.61
N GLN A 95 -12.73 18.42 -0.11
CA GLN A 95 -13.80 18.08 -1.01
C GLN A 95 -13.28 17.34 -2.23
N ARG A 96 -12.14 17.80 -2.72
CA ARG A 96 -11.48 17.22 -3.84
C ARG A 96 -10.89 15.83 -3.56
N GLN A 97 -10.30 15.65 -2.37
CA GLN A 97 -9.85 14.39 -1.93
C GLN A 97 -10.99 13.44 -1.61
N SER A 98 -12.03 13.93 -0.97
CA SER A 98 -13.17 13.10 -0.64
C SER A 98 -13.86 12.57 -1.92
N LYS A 100 -12.46 11.97 -4.78
CA LYS A 100 -11.65 10.87 -5.30
C LYS A 100 -12.08 9.52 -4.74
N LEU A 101 -12.43 9.48 -3.48
CA LEU A 101 -12.81 8.25 -2.81
C LEU A 101 -14.14 7.78 -3.34
N ILE A 102 -15.03 8.76 -3.56
CA ILE A 102 -16.30 8.46 -4.22
C ILE A 102 -16.11 7.85 -5.63
N TYR A 103 -15.35 8.46 -6.51
CA TYR A 103 -14.94 7.88 -7.75
C TYR A 103 -14.41 6.44 -7.66
N LEU A 104 -13.53 6.18 -6.68
CA LEU A 104 -12.92 4.86 -6.60
C LEU A 104 -13.94 3.85 -6.17
N LYS A 105 -14.82 4.25 -5.28
CA LYS A 105 -15.94 3.46 -4.81
C LYS A 105 -16.88 3.09 -5.98
N LYS A 106 -17.27 4.11 -6.71
CA LYS A 106 -18.13 3.95 -7.90
C LYS A 106 -17.48 3.11 -9.01
N SER A 107 -16.20 3.33 -9.30
CA SER A 107 -15.45 2.47 -10.20
C SER A 107 -15.54 0.98 -9.80
N VAL A 108 -15.16 0.66 -8.54
CA VAL A 108 -15.29 -0.67 -7.99
C VAL A 108 -16.72 -1.23 -8.07
N GLU A 109 -17.75 -0.42 -7.74
CA GLU A 109 -19.10 -0.87 -7.88
C GLU A 109 -19.38 -1.30 -9.35
N SER A 110 -19.02 -0.49 -10.32
CA SER A 110 -19.21 -0.81 -11.71
C SER A 110 -18.49 -2.11 -12.07
N PHE A 111 -17.25 -2.22 -11.62
CA PHE A 111 -16.46 -3.44 -11.87
C PHE A 111 -17.19 -4.66 -11.31
N ILE A 112 -17.78 -4.53 -10.12
CA ILE A 112 -18.51 -5.63 -9.51
C ILE A 112 -19.86 -6.00 -10.22
N ASN A 113 -20.59 -4.97 -10.62
CA ASN A 113 -21.71 -5.08 -11.54
C ASN A 113 -21.36 -5.93 -12.77
N PHE A 114 -20.25 -5.62 -13.44
CA PHE A 114 -19.76 -6.31 -14.59
C PHE A 114 -19.56 -7.83 -14.29
N LEU A 115 -18.85 -8.20 -13.22
CA LEU A 115 -18.60 -9.58 -12.87
C LEU A 115 -19.88 -10.28 -12.49
N THR A 116 -20.72 -9.60 -11.77
CA THR A 116 -21.92 -10.17 -11.36
C THR A 116 -22.78 -10.53 -12.63
N LEU A 117 -22.74 -9.64 -13.62
CA LEU A 117 -23.47 -9.80 -14.87
C LEU A 117 -22.92 -11.01 -15.61
N LEU A 118 -21.59 -11.15 -15.69
CA LEU A 118 -21.00 -12.30 -16.36
C LEU A 118 -21.36 -13.61 -15.65
N GLN A 119 -21.31 -13.57 -14.33
CA GLN A 119 -21.76 -14.66 -13.50
C GLN A 119 -23.24 -15.02 -13.77
N ASP A 120 -24.09 -14.01 -13.91
CA ASP A 120 -25.50 -14.23 -14.21
C ASP A 120 -25.69 -14.95 -15.58
N TYR A 121 -24.77 -14.71 -16.50
CA TYR A 121 -24.75 -15.37 -17.81
C TYR A 121 -23.93 -16.64 -17.83
N LYS A 122 -23.47 -17.04 -16.65
CA LYS A 122 -22.66 -18.23 -16.50
C LYS A 122 -21.45 -18.16 -17.41
N LEU A 123 -20.73 -17.02 -17.37
CA LEU A 123 -19.56 -16.79 -18.16
C LEU A 123 -18.28 -16.63 -17.34
N LEU A 124 -18.43 -16.57 -16.04
CA LEU A 124 -17.33 -16.13 -15.20
C LEU A 124 -16.29 -17.26 -14.94
N ASP A 125 -15.09 -17.08 -15.45
CA ASP A 125 -13.92 -17.85 -15.06
C ASP A 125 -13.98 -18.19 -13.55
N PRO A 126 -13.77 -19.46 -13.19
CA PRO A 126 -13.95 -19.75 -11.78
C PRO A 126 -12.89 -19.06 -10.89
N LEU A 127 -11.73 -18.74 -11.44
CA LEU A 127 -10.71 -18.00 -10.77
C LEU A 127 -11.24 -16.63 -10.35
N VAL A 128 -12.03 -16.03 -11.25
CA VAL A 128 -12.55 -14.69 -10.99
C VAL A 128 -13.71 -14.81 -10.08
N GLY A 129 -14.54 -15.82 -10.31
CA GLY A 129 -15.72 -16.06 -9.53
C GLY A 129 -15.45 -16.37 -8.08
N GLU A 130 -14.32 -17.04 -7.78
CA GLU A 130 -13.99 -17.35 -6.40
C GLU A 130 -13.74 -16.06 -5.61
N LYS A 131 -13.04 -15.15 -6.25
CA LYS A 131 -12.78 -13.81 -5.71
C LYS A 131 -14.05 -13.02 -5.52
N LEU A 132 -14.89 -12.96 -6.55
CA LEU A 132 -16.22 -12.33 -6.46
C LEU A 132 -17.03 -12.86 -5.30
N GLY A 133 -17.03 -14.17 -5.12
CA GLY A 133 -17.74 -14.81 -4.05
C GLY A 133 -17.20 -14.48 -2.66
N ASN A 134 -15.93 -14.18 -2.56
CA ASN A 134 -15.33 -13.91 -1.26
C ASN A 134 -15.78 -12.60 -0.58
N PHE A 135 -16.50 -11.74 -1.32
CA PHE A 135 -17.01 -10.51 -0.75
C PHE A 135 -18.21 -10.85 0.11
N LYS A 136 -18.09 -10.63 1.42
CA LYS A 136 -19.21 -10.85 2.33
C LYS A 136 -20.30 -9.82 2.01
N ASP A 137 -19.87 -8.59 1.72
CA ASP A 137 -20.74 -7.50 1.30
C ASP A 137 -20.33 -7.02 -0.07
N ARG A 138 -21.11 -7.45 -1.07
CA ARG A 138 -20.85 -7.10 -2.45
C ARG A 138 -20.66 -5.60 -2.63
N TYR A 139 -21.33 -4.80 -1.83
CA TYR A 139 -21.26 -3.35 -1.98
C TYR A 139 -20.21 -2.71 -1.08
N ASN A 140 -19.68 -3.48 -0.14
CA ASN A 140 -18.50 -3.06 0.65
C ASN A 140 -17.34 -4.08 0.51
N PRO A 141 -16.74 -4.19 -0.68
CA PRO A 141 -15.77 -5.25 -0.91
C PRO A 141 -14.44 -4.88 -0.25
N GLN A 142 -13.74 -5.88 0.27
CA GLN A 142 -12.54 -5.67 1.07
C GLN A 142 -11.34 -6.34 0.38
N LEU A 143 -10.24 -5.60 0.29
CA LEU A 143 -8.99 -6.09 -0.26
C LEU A 143 -8.50 -7.31 0.50
N SER A 144 -8.93 -7.44 1.74
CA SER A 144 -8.64 -8.63 2.51
C SER A 144 -9.43 -9.87 2.09
N GLU A 145 -10.44 -9.72 1.22
CA GLU A 145 -11.30 -10.82 0.73
C GLU A 145 -10.93 -11.30 -0.67
N LEU A 146 -10.12 -10.50 -1.33
CA LEU A 146 -9.73 -10.75 -2.67
C LEU A 146 -8.55 -11.72 -2.77
N TYR A 147 -7.62 -11.60 -1.82
CA TYR A 147 -6.47 -12.49 -1.69
C TYR A 147 -6.24 -12.70 -0.21
N ALA A 148 -5.63 -13.83 0.14
CA ALA A 148 -5.11 -14.01 1.50
C ALA A 148 -4.04 -12.94 1.72
N GLN A 149 -3.95 -12.38 2.93
CA GLN A 149 -2.99 -11.31 3.21
C GLN A 149 -2.10 -11.70 4.39
N PRO A 150 -0.81 -11.35 4.37
CA PRO A 150 0.01 -11.77 5.51
C PRO A 150 -0.52 -11.12 6.78
N LYS A 151 -0.58 -11.90 7.86
CA LYS A 151 -1.02 -11.42 9.17
C LYS A 151 -0.17 -10.27 9.72
N ASN A 152 1.15 -10.39 9.54
CA ASN A 152 2.10 -9.39 10.00
C ASN A 152 3.35 -9.38 9.13
N ASN A 153 4.38 -8.65 9.54
CA ASN A 153 5.59 -8.53 8.71
C ASN A 153 6.61 -9.67 8.85
N LYS A 154 6.15 -10.76 9.45
CA LYS A 154 6.96 -11.95 9.72
C LYS A 154 6.28 -13.13 9.04
N ASP A 155 5.05 -12.91 8.56
CA ASP A 155 4.20 -13.98 8.07
C ASP A 155 4.65 -14.44 6.69
N LEU A 156 5.72 -15.24 6.69
CA LEU A 156 6.26 -15.80 5.46
C LEU A 156 5.23 -16.65 4.73
N SER A 157 4.47 -17.48 5.44
CA SER A 157 3.53 -18.39 4.76
C SER A 157 2.44 -17.58 4.09
N GLY A 158 1.80 -16.70 4.87
CA GLY A 158 0.90 -15.68 4.35
C GLY A 158 1.40 -14.94 3.13
N ALA A 159 2.64 -14.47 3.14
CA ALA A 159 3.18 -13.78 1.98
C ALA A 159 3.35 -14.74 0.80
N GLN A 160 3.77 -15.98 1.08
CA GLN A 160 3.97 -16.98 0.01
C GLN A 160 2.65 -17.41 -0.60
N LEU A 161 1.61 -17.50 0.22
CA LEU A 161 0.27 -17.76 -0.26
C LEU A 161 -0.29 -16.65 -1.17
N LYS A 162 -0.13 -15.40 -0.75
CA LYS A 162 -0.42 -14.26 -1.57
C LYS A 162 0.32 -14.26 -2.91
N ARG A 163 1.63 -14.50 -2.89
CA ARG A 163 2.36 -14.63 -4.14
C ARG A 163 1.79 -15.76 -5.02
N LYS A 164 1.34 -16.83 -4.40
CA LYS A 164 0.88 -18.00 -5.16
C LYS A 164 -0.38 -17.61 -5.92
N GLU A 165 -1.31 -17.00 -5.21
CA GLU A 165 -2.61 -16.50 -5.75
C GLU A 165 -2.49 -15.41 -6.85
N LYS A 166 -1.54 -14.49 -6.68
CA LYS A 166 -1.14 -13.50 -7.66
C LYS A 166 -0.55 -14.08 -8.94
N ILE A 167 0.38 -15.03 -8.78
CA ILE A 167 1.02 -15.70 -9.88
C ILE A 167 -0.06 -16.43 -10.72
N GLU A 168 -1.02 -17.05 -10.07
CA GLU A 168 -2.14 -17.73 -10.74
C GLU A 168 -3.04 -16.80 -11.52
N LEU A 169 -3.37 -15.64 -10.94
CA LEU A 169 -4.00 -14.53 -11.65
C LEU A 169 -3.20 -14.09 -12.86
N PHE A 170 -1.92 -13.89 -12.64
CA PHE A 170 -1.06 -13.36 -13.66
C PHE A 170 -0.98 -14.33 -14.83
N GLN A 171 -0.67 -15.59 -14.55
CA GLN A 171 -0.60 -16.60 -15.59
CA GLN A 171 -0.61 -16.63 -15.56
C GLN A 171 -1.92 -16.70 -16.37
N ARG A 172 -3.05 -16.72 -15.66
CA ARG A 172 -4.34 -16.88 -16.30
C ARG A 172 -4.63 -15.69 -17.23
N ASN A 173 -4.33 -14.49 -16.72
CA ASN A 173 -4.44 -13.26 -17.45
C ASN A 173 -3.62 -13.25 -18.73
N LYS A 174 -2.37 -13.68 -18.63
CA LYS A 174 -1.48 -13.83 -19.75
C LYS A 174 -2.02 -14.83 -20.77
N GLU A 175 -2.54 -15.96 -20.28
CA GLU A 175 -3.05 -17.00 -21.15
C GLU A 175 -4.19 -16.41 -22.02
N ILE A 176 -5.18 -15.83 -21.38
CA ILE A 176 -6.40 -15.29 -22.04
C ILE A 176 -6.01 -14.10 -22.89
N SER A 177 -5.09 -13.27 -22.43
CA SER A 177 -4.58 -12.22 -23.30
C SER A 177 -4.00 -12.73 -24.63
N THR A 178 -3.18 -13.77 -24.57
CA THR A 178 -2.60 -14.36 -25.76
C THR A 178 -3.68 -14.96 -26.65
N LYS A 179 -4.63 -15.68 -26.07
CA LYS A 179 -5.74 -16.23 -26.86
C LYS A 179 -6.54 -15.10 -27.53
N LEU A 180 -6.80 -14.03 -26.80
CA LEU A 180 -7.47 -12.83 -27.36
C LEU A 180 -6.66 -12.18 -28.49
N HIS A 181 -5.37 -12.04 -28.24
CA HIS A 181 -4.45 -11.51 -29.23
C HIS A 181 -4.50 -12.33 -30.53
N CYS A 182 -4.29 -13.65 -30.47
CA CYS A 182 -4.26 -14.46 -31.72
C CYS A 182 -5.64 -14.35 -32.47
N LEU A 183 -6.74 -14.30 -31.73
CA LEU A 183 -8.11 -14.06 -32.28
C LEU A 183 -8.26 -12.73 -33.01
N GLU A 184 -7.89 -11.64 -32.38
CA GLU A 184 -7.88 -10.33 -33.03
C GLU A 184 -7.08 -10.33 -34.34
N LEU A 185 -5.92 -10.99 -34.34
CA LEU A 185 -5.07 -11.00 -35.51
C LEU A 185 -5.62 -11.90 -36.62
N GLU A 186 -6.20 -13.03 -36.25
CA GLU A 186 -6.87 -13.91 -37.21
C GLU A 186 -8.03 -13.21 -37.94
N LEU A 187 -8.64 -12.21 -37.27
CA LEU A 187 -9.65 -11.36 -37.89
C LEU A 187 -9.06 -10.29 -38.82
N GLU A 198 -17.92 -15.96 -38.06
CA GLU A 198 -17.83 -17.20 -37.27
C GLU A 198 -16.82 -17.06 -36.12
N LEU A 199 -15.65 -16.48 -36.41
CA LEU A 199 -14.71 -16.15 -35.35
C LEU A 199 -15.18 -14.99 -34.47
N LEU A 200 -16.02 -14.12 -35.02
CA LEU A 200 -16.43 -12.90 -34.31
C LEU A 200 -16.96 -13.16 -32.92
N ARG A 201 -17.88 -14.09 -32.86
CA ARG A 201 -18.51 -14.47 -31.61
C ARG A 201 -17.51 -14.96 -30.58
N GLU A 202 -16.52 -15.73 -31.05
CA GLU A 202 -15.45 -16.23 -30.21
CA GLU A 202 -15.45 -16.25 -30.21
C GLU A 202 -14.59 -15.08 -29.68
N LEU A 203 -14.23 -14.16 -30.56
CA LEU A 203 -13.49 -12.98 -30.18
C LEU A 203 -14.20 -12.14 -29.09
N TYR A 204 -15.49 -11.91 -29.23
CA TYR A 204 -16.24 -11.14 -28.31
C TYR A 204 -16.32 -11.75 -26.93
N LEU A 205 -16.52 -13.05 -26.88
CA LEU A 205 -16.51 -13.83 -25.66
C LEU A 205 -15.12 -13.83 -25.02
N ARG A 207 -12.90 -11.60 -25.44
CA ARG A 207 -12.66 -10.27 -25.00
C ARG A 207 -13.28 -10.08 -23.57
N LEU A 208 -14.51 -10.54 -23.36
CA LEU A 208 -15.10 -10.45 -22.03
C LEU A 208 -14.22 -11.21 -21.01
N HIS A 209 -13.72 -12.36 -21.44
CA HIS A 209 -12.89 -13.20 -20.59
C HIS A 209 -11.68 -12.36 -20.08
N HIS A 210 -11.04 -11.61 -20.95
CA HIS A 210 -9.82 -10.91 -20.68
C HIS A 210 -10.23 -9.77 -19.73
N PHE A 211 -11.35 -9.12 -20.06
CA PHE A 211 -11.91 -8.08 -19.18
C PHE A 211 -12.16 -8.52 -17.73
N SER A 212 -12.70 -9.70 -17.51
CA SER A 212 -12.98 -10.18 -16.20
C SER A 212 -11.66 -10.39 -15.41
N LEU A 213 -10.61 -10.86 -16.06
CA LEU A 213 -9.34 -11.01 -15.41
C LEU A 213 -8.73 -9.60 -15.12
N ASP A 214 -8.68 -8.70 -16.10
CA ASP A 214 -8.22 -7.35 -15.93
C ASP A 214 -8.89 -6.70 -14.76
N THR A 215 -10.20 -6.89 -14.62
CA THR A 215 -11.05 -6.34 -13.54
C THR A 215 -10.50 -6.64 -12.15
N ILE A 216 -10.05 -7.86 -11.93
CA ILE A 216 -9.52 -8.17 -10.62
C ILE A 216 -8.35 -7.21 -10.28
N ASN A 217 -7.47 -6.96 -11.22
CA ASN A 217 -6.37 -6.01 -11.05
C ASN A 217 -6.82 -4.60 -10.78
N ASN A 218 -7.90 -4.20 -11.44
CA ASN A 218 -8.39 -2.89 -11.24
C ASN A 218 -9.09 -2.77 -9.91
N ILE A 219 -9.83 -3.81 -9.52
CA ILE A 219 -10.53 -3.76 -8.29
C ILE A 219 -9.40 -3.67 -7.16
N GLU A 220 -8.36 -4.42 -7.28
CA GLU A 220 -7.26 -4.43 -6.22
C GLU A 220 -6.62 -3.04 -6.11
N GLN A 221 -6.27 -2.48 -7.25
CA GLN A 221 -5.59 -1.21 -7.33
C GLN A 221 -6.51 -0.16 -6.76
N ASN A 222 -7.79 -0.17 -7.10
CA ASN A 222 -8.67 0.86 -6.58
C ASN A 222 -8.98 0.76 -5.07
N LEU A 223 -9.07 -0.45 -4.55
CA LEU A 223 -9.31 -0.64 -3.18
C LEU A 223 -8.08 -0.18 -2.38
N PHE A 224 -6.90 -0.56 -2.82
CA PHE A 224 -5.66 -0.15 -2.16
C PHE A 224 -5.46 1.36 -2.22
N GLU A 225 -5.61 1.92 -3.42
CA GLU A 225 -5.51 3.35 -3.65
C GLU A 225 -6.52 4.07 -2.79
N CYS A 226 -7.77 3.59 -2.76
CA CYS A 226 -8.76 4.21 -1.89
C CYS A 226 -8.40 4.22 -0.37
N GLU A 227 -8.01 3.07 0.13
CA GLU A 227 -7.59 2.98 1.50
C GLU A 227 -6.41 3.90 1.81
N LEU A 229 -5.44 6.83 0.19
CA LEU A 229 -5.89 8.24 0.13
C LEU A 229 -6.85 8.61 1.23
N SER A 230 -7.58 7.62 1.72
CA SER A 230 -8.49 7.81 2.85
CA SER A 230 -8.49 7.77 2.85
C SER A 230 -7.76 8.11 4.15
N ASN A 231 -6.62 7.46 4.36
CA ASN A 231 -5.88 7.64 5.63
C ASN A 231 -5.39 9.06 5.79
N PHE A 232 -5.08 9.67 4.67
CA PHE A 232 -4.64 11.05 4.65
C PHE A 232 -5.77 12.09 4.88
N LEU A 233 -7.01 11.63 4.88
CA LEU A 233 -8.16 12.49 5.21
C LEU A 233 -8.61 12.28 6.67
N LYS A 234 -8.31 11.09 7.20
CA LYS A 234 -8.61 10.76 8.60
C LYS A 234 -7.82 11.63 9.58
N ALA B 2 16.78 10.21 36.22
CA ALA B 2 17.84 11.13 36.76
C ALA B 2 19.11 11.03 35.93
N SER B 3 19.68 9.82 35.86
CA SER B 3 20.86 9.58 35.04
C SER B 3 20.44 9.30 33.60
N VAL B 4 21.41 9.41 32.71
CA VAL B 4 21.24 9.09 31.29
C VAL B 4 20.59 7.73 31.03
N THR B 5 21.04 6.71 31.76
CA THR B 5 20.56 5.34 31.55
C THR B 5 19.12 5.10 32.04
N GLU B 6 18.73 5.79 33.12
CA GLU B 6 17.41 5.63 33.71
C GLU B 6 16.36 6.41 32.93
N GLN B 7 16.78 7.54 32.37
CA GLN B 7 15.91 8.34 31.51
C GLN B 7 15.55 7.53 30.26
N PHE B 8 16.51 6.77 29.76
CA PHE B 8 16.31 5.98 28.57
C PHE B 8 15.30 4.84 28.75
N ASN B 9 15.45 4.09 29.84
CA ASN B 9 14.55 2.97 30.09
C ASN B 9 13.10 3.43 30.22
N ASP B 10 12.92 4.60 30.83
CA ASP B 10 11.60 5.20 31.00
C ASP B 10 11.00 5.66 29.68
N ILE B 11 11.80 6.31 28.83
CA ILE B 11 11.35 6.71 27.47
C ILE B 11 10.87 5.48 26.69
N ILE B 12 11.73 4.46 26.59
CA ILE B 12 11.38 3.20 25.92
C ILE B 12 10.14 2.53 26.49
N SER B 13 10.05 2.50 27.82
CA SER B 13 8.91 1.86 28.49
C SER B 13 7.64 2.62 28.18
N LEU B 14 7.72 3.95 28.18
CA LEU B 14 6.59 4.80 27.78
C LEU B 14 6.14 4.47 26.35
N TYR B 15 7.11 4.40 25.44
CA TYR B 15 6.81 4.06 24.04
C TYR B 15 6.09 2.73 23.96
N SER B 16 6.76 1.66 24.37
CA SER B 16 6.23 0.29 24.33
C SER B 16 4.81 0.14 24.89
N THR B 17 4.52 0.84 25.99
CA THR B 17 3.26 0.67 26.72
C THR B 17 2.11 1.54 26.20
N LYS B 18 2.38 2.83 25.98
CA LYS B 18 1.32 3.79 25.68
C LYS B 18 1.40 4.47 24.30
N LEU B 19 2.57 4.43 23.66
CA LEU B 19 2.78 5.16 22.41
C LEU B 19 2.92 4.30 21.14
N GLU B 20 3.37 3.07 21.28
CA GLU B 20 3.55 2.20 20.12
C GLU B 20 2.22 1.87 19.43
N HIS B 21 1.24 1.40 20.21
CA HIS B 21 -0.09 1.08 19.69
C HIS B 21 -1.19 1.58 20.64
N LEU B 24 -4.41 3.67 21.52
CA LEU B 24 -5.83 3.99 21.36
C LEU B 24 -6.11 5.50 21.38
N ARG B 25 -6.64 6.00 20.27
CA ARG B 25 -6.82 7.43 19.98
C ARG B 25 -5.47 8.11 19.69
N GLN B 26 -5.30 8.55 18.44
CA GLN B 26 -4.01 9.04 17.97
C GLN B 26 -4.07 10.50 17.56
N ASP B 27 -5.29 10.99 17.42
CA ASP B 27 -5.55 12.36 17.03
C ASP B 27 -5.76 13.21 18.27
N SER B 28 -5.99 12.53 19.39
CA SER B 28 -6.29 13.19 20.65
C SER B 28 -5.13 14.08 21.11
N PRO B 29 -5.45 15.27 21.64
CA PRO B 29 -4.47 16.12 22.32
C PRO B 29 -3.69 15.35 23.39
N GLU B 30 -4.36 14.40 24.05
CA GLU B 30 -3.74 13.63 25.12
C GLU B 30 -2.61 12.75 24.59
N TYR B 31 -2.86 12.05 23.50
CA TYR B 31 -1.85 11.21 22.87
C TYR B 31 -0.74 12.06 22.24
N GLN B 32 -1.12 13.06 21.46
CA GLN B 32 -0.15 13.90 20.80
C GLN B 32 0.70 14.68 21.82
N GLY B 33 0.07 15.10 22.93
CA GLY B 33 0.75 15.72 24.06
C GLY B 33 1.83 14.82 24.65
N LEU B 34 1.49 13.55 24.86
CA LEU B 34 2.41 12.58 25.45
C LEU B 34 3.50 12.23 24.46
N LEU B 35 3.14 12.21 23.18
CA LEU B 35 4.13 11.92 22.18
C LEU B 35 5.20 13.02 22.14
N LEU B 36 4.74 14.27 22.16
CA LEU B 36 5.59 15.44 22.13
C LEU B 36 6.51 15.47 23.35
N SER B 37 5.98 15.31 24.54
CA SER B 37 6.87 15.38 25.73
C SER B 37 7.94 14.29 25.66
N THR B 38 7.56 13.10 25.23
CA THR B 38 8.51 11.98 25.08
C THR B 38 9.60 12.23 24.03
N ILE B 39 9.22 12.82 22.89
CA ILE B 39 10.17 13.21 21.89
C ILE B 39 11.14 14.25 22.49
N LYS B 40 10.63 15.20 23.27
CA LYS B 40 11.45 16.26 23.82
C LYS B 40 12.50 15.66 24.77
N LYS B 41 12.04 14.84 25.70
CA LYS B 41 12.89 14.09 26.63
C LYS B 41 13.98 13.33 25.85
N LEU B 42 13.59 12.63 24.78
CA LEU B 42 14.51 11.78 24.01
C LEU B 42 15.56 12.57 23.21
N LEU B 43 15.18 13.74 22.71
CA LEU B 43 16.10 14.60 22.07
C LEU B 43 17.12 15.08 23.14
N ASN B 44 16.68 15.28 24.37
CA ASN B 44 17.57 15.89 25.40
C ASN B 44 18.53 14.80 25.86
N LEU B 45 18.01 13.59 25.95
CA LEU B 45 18.85 12.45 26.20
C LEU B 45 19.82 12.23 25.06
N LYS B 46 19.44 12.55 23.84
CA LYS B 46 20.37 12.42 22.71
C LYS B 46 21.54 13.41 22.88
N THR B 47 21.22 14.66 23.20
CA THR B 47 22.23 15.67 23.42
C THR B 47 23.25 15.15 24.52
N ALA B 48 22.75 14.58 25.61
CA ALA B 48 23.57 14.16 26.74
C ALA B 48 24.52 13.04 26.36
N ILE B 49 23.95 11.99 25.75
CA ILE B 49 24.78 10.86 25.37
C ILE B 49 25.63 11.21 24.18
N PHE B 50 25.08 11.79 23.11
CA PHE B 50 25.87 11.98 21.88
C PHE B 50 26.83 13.16 21.88
N ASP B 51 26.46 14.21 22.60
CA ASP B 51 27.23 15.44 22.45
C ASP B 51 27.98 15.71 23.73
N ARG B 52 27.36 15.35 24.86
CA ARG B 52 27.86 15.76 26.16
C ARG B 52 28.88 14.75 26.54
N LEU B 53 28.43 13.50 26.65
CA LEU B 53 29.26 12.37 26.83
C LEU B 53 30.04 12.01 25.58
N ALA B 54 29.64 12.47 24.42
CA ALA B 54 30.20 11.97 23.16
C ALA B 54 30.45 10.44 23.10
N LEU B 55 29.52 9.65 23.62
CA LEU B 55 29.68 8.19 23.68
C LEU B 55 30.16 7.51 22.39
N PHE B 56 29.50 7.81 21.27
CA PHE B 56 29.82 7.16 20.01
C PHE B 56 30.81 7.91 19.09
N SER B 57 31.22 9.13 19.47
CA SER B 57 32.29 9.79 18.73
C SER B 57 33.66 9.53 19.39
N THR B 58 33.66 8.99 20.60
CA THR B 58 34.92 8.80 21.33
C THR B 58 35.29 7.35 21.55
N ASN B 59 34.29 6.47 21.47
CA ASN B 59 34.54 5.04 21.36
C ASN B 59 34.56 4.63 19.89
N GLU B 60 35.76 4.42 19.36
CA GLU B 60 35.94 4.20 17.93
C GLU B 60 35.43 2.85 17.44
N THR B 61 35.42 1.85 18.31
CA THR B 61 34.98 0.50 17.94
C THR B 61 33.83 0.01 18.80
N ILE B 62 32.94 -0.80 18.21
CA ILE B 62 31.78 -1.33 18.91
C ILE B 62 32.13 -2.05 20.22
N ASP B 63 33.24 -2.80 20.22
CA ASP B 63 33.70 -3.52 21.41
C ASP B 63 34.10 -2.57 22.56
N ASP B 64 34.42 -1.34 22.22
CA ASP B 64 34.63 -0.30 23.24
C ASP B 64 33.35 0.14 23.90
N VAL B 65 32.19 -0.16 23.31
CA VAL B 65 30.94 0.18 23.97
C VAL B 65 30.49 -0.89 24.97
N SER B 66 30.24 -0.47 26.22
CA SER B 66 29.75 -1.41 27.24
C SER B 66 28.45 -2.12 26.77
N THR B 67 28.12 -3.27 27.33
CA THR B 67 26.91 -3.96 26.91
C THR B 67 25.65 -3.15 27.28
N ALA B 68 25.72 -2.47 28.42
CA ALA B 68 24.61 -1.73 28.94
C ALA B 68 24.45 -0.42 28.19
N SER B 69 25.43 -0.03 27.39
CA SER B 69 25.32 1.18 26.59
C SER B 69 25.03 0.91 25.09
N ILE B 70 24.95 -0.35 24.72
CA ILE B 70 24.57 -0.78 23.36
C ILE B 70 23.16 -0.27 23.08
N LYS B 71 22.29 -0.40 24.07
CA LYS B 71 20.93 0.11 23.98
C LYS B 71 20.84 1.53 23.42
N PHE B 72 21.81 2.40 23.72
CA PHE B 72 21.77 3.81 23.30
C PHE B 72 21.91 4.04 21.80
N LEU B 73 22.38 3.01 21.09
CA LEU B 73 22.47 3.04 19.64
C LEU B 73 21.10 3.26 18.97
N ALA B 74 20.03 2.89 19.66
CA ALA B 74 18.65 2.90 19.17
C ALA B 74 17.92 4.22 19.43
N VAL B 75 18.66 5.19 19.88
CA VAL B 75 18.03 6.45 20.22
C VAL B 75 17.39 7.00 18.96
N ASP B 76 18.13 7.05 17.86
CA ASP B 76 17.66 7.61 16.61
C ASP B 76 16.49 6.77 16.05
N TYR B 77 16.55 5.47 16.31
CA TYR B 77 15.51 4.56 15.93
C TYR B 77 14.21 4.93 16.60
N TYR B 78 14.21 5.08 17.91
CA TYR B 78 13.02 5.48 18.62
C TYR B 78 12.52 6.89 18.28
N LEU B 79 13.43 7.78 17.91
CA LEU B 79 13.04 9.14 17.53
C LEU B 79 12.25 9.00 16.19
N GLY B 80 12.78 8.28 15.22
CA GLY B 80 12.06 7.91 13.98
C GLY B 80 10.67 7.41 14.25
N LEU B 81 10.54 6.42 15.12
CA LEU B 81 9.28 5.85 15.52
C LEU B 81 8.31 6.87 16.13
N LEU B 82 8.78 7.63 17.13
CA LEU B 82 7.94 8.59 17.78
C LEU B 82 7.48 9.66 16.80
N ILE B 83 8.37 10.12 15.95
CA ILE B 83 8.11 11.23 15.10
C ILE B 83 7.09 10.76 14.07
N SER B 84 7.23 9.50 13.64
CA SER B 84 6.23 8.82 12.75
C SER B 84 4.78 8.95 13.14
N ARG B 85 4.54 9.13 14.43
CA ARG B 85 3.23 9.08 15.01
C ARG B 85 2.66 10.47 15.36
N ARG B 86 3.46 11.51 15.12
CA ARG B 86 3.03 12.87 15.31
C ARG B 86 2.01 13.23 14.24
N GLN B 87 0.96 13.93 14.69
CA GLN B 87 -0.13 14.41 13.82
C GLN B 87 -0.66 15.76 14.27
N SER B 88 -0.98 16.61 13.31
CA SER B 88 -1.72 17.84 13.58
C SER B 88 -3.21 17.52 13.79
N ASN B 89 -3.86 18.28 14.67
CA ASN B 89 -5.31 18.17 14.85
C ASN B 89 -6.06 19.44 14.44
N ASP B 90 -5.37 20.29 13.69
CA ASP B 90 -5.95 21.48 13.09
C ASP B 90 -7.18 21.10 12.25
N SER B 91 -8.16 22.00 12.22
CA SER B 91 -9.40 21.76 11.49
C SER B 91 -9.16 21.76 9.98
N ASP B 92 -8.12 22.49 9.54
CA ASP B 92 -7.80 22.60 8.12
C ASP B 92 -7.01 21.38 7.59
N VAL B 93 -7.63 20.66 6.68
CA VAL B 93 -7.06 19.47 6.09
C VAL B 93 -5.72 19.73 5.43
N ALA B 94 -5.59 20.81 4.65
CA ALA B 94 -4.28 21.09 4.03
C ALA B 94 -3.15 21.30 5.07
N GLN B 95 -3.46 21.98 6.17
CA GLN B 95 -2.45 22.19 7.24
C GLN B 95 -1.98 20.86 7.86
N ARG B 96 -2.92 20.02 8.26
CA ARG B 96 -2.68 18.69 8.78
C ARG B 96 -1.78 17.89 7.85
N GLN B 97 -2.19 17.80 6.60
CA GLN B 97 -1.43 17.06 5.61
C GLN B 97 -0.02 17.63 5.43
N SER B 98 0.12 18.97 5.41
CA SER B 98 1.45 19.51 5.22
C SER B 98 2.27 19.28 6.51
N LYS B 100 1.85 16.73 8.58
CA LYS B 100 2.25 15.32 8.40
C LYS B 100 3.45 15.15 7.43
N LEU B 101 3.40 15.72 6.23
CA LEU B 101 4.58 15.71 5.37
C LEU B 101 5.90 16.05 6.14
N ILE B 102 5.85 17.15 6.84
CA ILE B 102 7.01 17.57 7.65
C ILE B 102 7.49 16.47 8.66
N TYR B 103 6.57 15.97 9.47
CA TYR B 103 6.90 14.94 10.42
C TYR B 103 7.50 13.74 9.77
N LEU B 104 7.02 13.35 8.59
CA LEU B 104 7.46 12.11 8.02
C LEU B 104 8.83 12.32 7.49
N LYS B 105 9.09 13.50 7.00
CA LYS B 105 10.40 13.89 6.56
C LYS B 105 11.43 13.86 7.71
N LYS B 106 10.99 14.28 8.88
CA LYS B 106 11.87 14.29 10.08
C LYS B 106 12.01 12.91 10.68
N SER B 107 10.98 12.09 10.54
CA SER B 107 11.18 10.70 11.01
C SER B 107 12.19 9.91 10.14
N VAL B 108 12.10 10.03 8.81
CA VAL B 108 13.09 9.54 7.86
C VAL B 108 14.53 9.97 8.16
N GLU B 109 14.75 11.25 8.46
CA GLU B 109 16.05 11.76 8.89
C GLU B 109 16.60 11.01 10.11
N SER B 110 15.80 10.85 11.15
CA SER B 110 16.24 10.07 12.31
C SER B 110 16.54 8.63 11.91
N PHE B 111 15.61 7.99 11.20
CA PHE B 111 15.85 6.61 10.82
C PHE B 111 17.15 6.46 10.07
N ILE B 112 17.39 7.28 9.05
CA ILE B 112 18.65 7.32 8.36
C ILE B 112 19.80 7.62 9.34
N ASN B 113 19.55 8.47 10.33
CA ASN B 113 20.58 8.74 11.36
C ASN B 113 20.95 7.44 12.09
N PHE B 114 19.94 6.66 12.43
CA PHE B 114 20.12 5.38 13.10
C PHE B 114 20.98 4.41 12.23
N LEU B 115 20.63 4.25 10.98
CA LEU B 115 21.40 3.37 10.07
C LEU B 115 22.84 3.85 9.85
N THR B 116 23.02 5.16 9.72
CA THR B 116 24.33 5.69 9.53
C THR B 116 25.19 5.30 10.75
N LEU B 117 24.62 5.42 11.95
CA LEU B 117 25.35 5.17 13.18
C LEU B 117 25.77 3.70 13.27
N LEU B 118 24.84 2.81 12.90
CA LEU B 118 25.14 1.37 12.75
C LEU B 118 26.15 1.13 11.69
N GLN B 119 26.13 1.95 10.64
CA GLN B 119 27.11 1.80 9.57
C GLN B 119 28.51 2.18 10.05
N ASP B 120 28.56 3.25 10.85
CA ASP B 120 29.77 3.75 11.46
C ASP B 120 30.45 2.68 12.32
N TYR B 121 29.64 1.87 13.00
CA TYR B 121 30.18 0.78 13.82
C TYR B 121 30.37 -0.55 13.07
N LYS B 122 30.24 -0.51 11.75
CA LYS B 122 30.40 -1.71 10.90
C LYS B 122 29.43 -2.83 11.31
N LEU B 123 28.22 -2.43 11.70
CA LEU B 123 27.18 -3.33 12.19
C LEU B 123 26.04 -3.44 11.19
N LEU B 124 26.05 -2.60 10.17
CA LEU B 124 24.94 -2.56 9.25
C LEU B 124 24.97 -3.78 8.33
N ASP B 125 23.86 -4.52 8.33
CA ASP B 125 23.62 -5.61 7.40
C ASP B 125 23.80 -5.11 5.95
N PRO B 126 24.52 -5.89 5.11
CA PRO B 126 24.88 -5.53 3.74
C PRO B 126 23.69 -5.17 2.84
N LEU B 127 22.58 -5.87 3.01
CA LEU B 127 21.36 -5.58 2.27
C LEU B 127 20.81 -4.21 2.71
N VAL B 128 20.54 -4.07 4.01
CA VAL B 128 20.14 -2.78 4.58
C VAL B 128 21.07 -1.68 4.08
N GLY B 129 22.38 -1.96 4.10
CA GLY B 129 23.41 -1.00 3.69
C GLY B 129 23.27 -0.41 2.29
N GLU B 130 22.89 -1.26 1.33
CA GLU B 130 22.72 -0.79 -0.05
C GLU B 130 21.42 -0.03 -0.26
N LYS B 131 20.43 -0.31 0.59
CA LYS B 131 19.17 0.43 0.58
C LYS B 131 19.39 1.85 1.13
N LEU B 132 20.15 1.93 2.22
CA LEU B 132 20.56 3.21 2.81
C LEU B 132 21.25 4.10 1.77
N GLY B 133 22.31 3.57 1.17
CA GLY B 133 23.05 4.28 0.12
C GLY B 133 22.44 4.06 -1.25
N LYS B 151 5.51 10.85 -10.64
CA LYS B 151 4.75 9.63 -10.36
C LYS B 151 3.50 9.96 -9.54
N ASN B 152 2.33 9.83 -10.17
CA ASN B 152 1.04 10.15 -9.56
C ASN B 152 0.61 9.20 -8.44
N ASN B 153 -0.46 9.56 -7.72
CA ASN B 153 -0.98 8.71 -6.65
C ASN B 153 -1.41 7.27 -7.06
N LYS B 154 -1.84 7.02 -8.30
CA LYS B 154 -2.18 5.69 -8.78
C LYS B 154 -0.93 4.79 -8.93
N ASP B 155 0.08 5.30 -9.64
CA ASP B 155 1.37 4.65 -9.80
C ASP B 155 2.14 4.43 -8.49
N LEU B 156 2.06 5.38 -7.56
CA LEU B 156 2.71 5.23 -6.26
C LEU B 156 2.07 4.08 -5.48
N SER B 157 0.73 4.04 -5.50
CA SER B 157 -0.06 3.10 -4.77
C SER B 157 0.19 1.72 -5.36
N GLY B 158 0.31 1.67 -6.68
CA GLY B 158 0.58 0.45 -7.43
C GLY B 158 1.94 -0.10 -7.03
N ALA B 159 2.94 0.77 -7.07
CA ALA B 159 4.32 0.43 -6.67
C ALA B 159 4.43 -0.02 -5.20
N GLN B 160 3.69 0.62 -4.30
CA GLN B 160 3.65 0.27 -2.90
C GLN B 160 3.12 -1.13 -2.72
N LEU B 161 2.00 -1.37 -3.39
CA LEU B 161 1.34 -2.62 -3.31
C LEU B 161 2.31 -3.72 -3.62
N LYS B 162 3.12 -3.60 -4.66
CA LYS B 162 3.99 -4.69 -5.12
C LYS B 162 5.18 -4.85 -4.17
N ARG B 163 5.72 -3.73 -3.71
CA ARG B 163 6.80 -3.74 -2.72
C ARG B 163 6.37 -4.44 -1.43
N LYS B 164 5.15 -4.15 -0.97
CA LYS B 164 4.59 -4.66 0.28
C LYS B 164 4.38 -6.17 0.33
N GLU B 165 4.43 -6.82 -0.84
CA GLU B 165 4.20 -8.25 -0.98
C GLU B 165 5.47 -9.00 -1.44
N LYS B 166 6.57 -8.27 -1.67
CA LYS B 166 7.87 -8.92 -1.90
C LYS B 166 8.20 -9.83 -0.74
N ILE B 167 8.71 -11.01 -1.07
CA ILE B 167 9.00 -12.07 -0.09
C ILE B 167 10.21 -11.77 0.81
N GLU B 168 11.30 -11.30 0.22
CA GLU B 168 12.56 -11.04 0.89
C GLU B 168 12.41 -10.46 2.31
N LEU B 169 11.54 -9.46 2.45
CA LEU B 169 11.20 -8.77 3.70
C LEU B 169 10.70 -9.71 4.77
N PHE B 170 9.72 -10.55 4.41
CA PHE B 170 9.07 -11.46 5.34
C PHE B 170 9.99 -12.62 5.71
N GLN B 171 10.79 -13.08 4.74
CA GLN B 171 11.75 -14.15 4.96
C GLN B 171 12.78 -13.64 5.97
N ARG B 172 13.27 -12.43 5.74
CA ARG B 172 14.28 -11.83 6.61
C ARG B 172 13.76 -11.55 8.02
N ASN B 173 12.60 -10.92 8.13
CA ASN B 173 11.95 -10.74 9.43
C ASN B 173 11.74 -12.05 10.21
N LYS B 174 11.23 -13.08 9.53
CA LYS B 174 11.07 -14.41 10.13
C LYS B 174 12.39 -14.95 10.73
N GLU B 175 13.43 -15.03 9.91
CA GLU B 175 14.77 -15.39 10.35
C GLU B 175 15.20 -14.66 11.65
N ILE B 176 15.23 -13.32 11.61
CA ILE B 176 15.76 -12.52 12.72
C ILE B 176 14.91 -12.72 13.95
N SER B 177 13.60 -12.72 13.80
CA SER B 177 12.71 -13.00 14.93
C SER B 177 12.99 -14.35 15.62
N THR B 178 13.22 -15.40 14.84
CA THR B 178 13.62 -16.72 15.41
C THR B 178 15.03 -16.76 16.04
N LYS B 179 16.03 -16.18 15.38
CA LYS B 179 17.32 -15.87 16.06
C LYS B 179 17.17 -15.10 17.38
N LEU B 180 16.35 -14.05 17.39
CA LEU B 180 16.06 -13.30 18.60
C LEU B 180 15.47 -14.16 19.69
N HIS B 181 14.42 -14.89 19.34
CA HIS B 181 13.71 -15.82 20.19
C HIS B 181 14.66 -16.86 20.83
N CYS B 182 15.61 -17.38 20.06
CA CYS B 182 16.48 -18.43 20.53
C CYS B 182 17.54 -17.80 21.44
N LEU B 183 18.01 -16.59 21.11
CA LEU B 183 19.00 -15.87 21.90
C LEU B 183 18.48 -15.57 23.30
N GLU B 184 17.23 -15.13 23.38
CA GLU B 184 16.55 -14.90 24.63
C GLU B 184 16.44 -16.15 25.46
N LEU B 185 16.23 -17.30 24.80
CA LEU B 185 16.09 -18.55 25.51
C LEU B 185 17.45 -19.06 25.97
N GLU B 186 18.48 -18.89 25.13
CA GLU B 186 19.84 -19.30 25.49
C GLU B 186 20.39 -18.48 26.65
N LEU B 187 19.90 -17.24 26.75
CA LEU B 187 20.24 -16.36 27.83
C LEU B 187 19.58 -16.82 29.12
N LYS B 188 18.29 -17.15 29.03
CA LYS B 188 17.52 -17.63 30.17
C LYS B 188 17.92 -19.03 30.66
N ASN B 189 18.21 -19.92 29.73
CA ASN B 189 18.48 -21.29 30.02
C ASN B 189 19.86 -21.37 30.69
N ASN B 190 19.89 -21.47 32.01
CA ASN B 190 21.16 -21.22 32.76
C ASN B 190 21.27 -21.89 34.14
N ASP B 191 20.93 -23.18 34.18
CA ASP B 191 21.04 -24.01 35.37
C ASP B 191 22.48 -24.02 35.88
N GLU B 192 23.42 -23.87 34.96
CA GLU B 192 24.85 -23.83 35.25
C GLU B 192 25.32 -22.52 35.87
N ASP B 193 24.45 -21.50 35.89
CA ASP B 193 24.80 -20.18 36.43
C ASP B 193 26.07 -19.65 35.81
N HIS B 194 26.19 -19.75 34.49
CA HIS B 194 27.35 -19.20 33.81
C HIS B 194 27.18 -17.70 33.63
N ASP B 195 28.29 -17.05 33.33
CA ASP B 195 28.26 -15.68 32.88
C ASP B 195 27.68 -15.70 31.47
N HIS B 196 26.54 -15.09 31.31
CA HIS B 196 25.87 -15.03 30.00
C HIS B 196 26.03 -13.64 29.37
N ASP B 197 27.06 -12.93 29.81
CA ASP B 197 27.35 -11.60 29.28
C ASP B 197 27.58 -11.60 27.77
N GLU B 198 28.36 -12.55 27.25
CA GLU B 198 28.59 -12.64 25.80
C GLU B 198 27.28 -12.86 25.03
N LEU B 199 26.38 -13.63 25.61
CA LEU B 199 25.04 -13.81 25.02
C LEU B 199 24.14 -12.56 25.12
N LEU B 200 24.16 -11.90 26.28
CA LEU B 200 23.35 -10.71 26.49
C LEU B 200 23.71 -9.73 25.41
N ARG B 201 24.99 -9.55 25.22
CA ARG B 201 25.52 -8.63 24.24
C ARG B 201 25.08 -9.04 22.82
N GLU B 202 25.16 -10.33 22.50
CA GLU B 202 24.70 -10.83 21.21
C GLU B 202 23.21 -10.52 21.00
N LEU B 203 22.44 -10.58 22.08
CA LEU B 203 21.03 -10.29 22.05
C LEU B 203 20.78 -8.84 21.66
N TYR B 204 21.45 -7.97 22.40
CA TYR B 204 21.30 -6.54 22.13
C TYR B 204 21.64 -6.13 20.70
N LEU B 205 22.74 -6.67 20.19
CA LEU B 205 23.25 -6.36 18.87
C LEU B 205 22.35 -6.93 17.79
N ARG B 207 19.01 -7.44 18.29
CA ARG B 207 17.89 -6.52 18.39
C ARG B 207 18.08 -5.26 17.56
N LEU B 208 19.28 -4.70 17.53
CA LEU B 208 19.59 -3.57 16.65
C LEU B 208 19.53 -3.96 15.18
N HIS B 209 20.01 -5.17 14.86
CA HIS B 209 19.85 -5.77 13.52
C HIS B 209 18.36 -5.87 13.11
N HIS B 210 17.53 -6.33 14.03
CA HIS B 210 16.11 -6.32 13.83
C HIS B 210 15.57 -4.90 13.53
N PHE B 211 15.99 -3.94 14.34
CA PHE B 211 15.52 -2.58 14.26
C PHE B 211 15.87 -2.01 12.92
N SER B 212 17.04 -2.38 12.44
CA SER B 212 17.60 -1.89 11.20
C SER B 212 16.76 -2.33 10.00
N LEU B 213 16.18 -3.54 10.07
CA LEU B 213 15.25 -4.03 9.03
C LEU B 213 13.95 -3.27 9.12
N ASP B 214 13.43 -3.12 10.35
CA ASP B 214 12.18 -2.42 10.58
C ASP B 214 12.33 -0.96 10.10
N THR B 215 13.52 -0.40 10.25
CA THR B 215 13.86 0.96 9.82
C THR B 215 13.78 1.16 8.31
N ILE B 216 14.39 0.25 7.55
CA ILE B 216 14.31 0.24 6.10
C ILE B 216 12.84 0.13 5.63
N ASN B 217 12.11 -0.78 6.27
CA ASN B 217 10.67 -0.87 6.17
C ASN B 217 9.96 0.48 6.39
N ASN B 218 10.14 1.06 7.58
CA ASN B 218 9.51 2.31 7.95
C ASN B 218 9.89 3.47 7.05
N ILE B 219 11.11 3.46 6.53
CA ILE B 219 11.64 4.54 5.70
C ILE B 219 10.89 4.55 4.36
N GLU B 220 10.71 3.36 3.79
CA GLU B 220 9.91 3.15 2.59
C GLU B 220 8.45 3.58 2.81
N GLN B 221 7.80 3.11 3.86
CA GLN B 221 6.44 3.51 4.16
C GLN B 221 6.28 5.02 4.25
N ASN B 222 7.20 5.65 4.95
CA ASN B 222 7.18 7.08 5.15
C ASN B 222 7.43 7.78 3.83
N LEU B 223 8.41 7.34 3.04
CA LEU B 223 8.72 7.98 1.79
C LEU B 223 7.52 7.92 0.83
N PHE B 224 6.89 6.74 0.79
CA PHE B 224 5.65 6.55 0.01
C PHE B 224 4.59 7.55 0.45
N GLU B 225 4.26 7.53 1.74
CA GLU B 225 3.30 8.52 2.29
C GLU B 225 3.74 9.95 2.03
N CYS B 226 5.04 10.18 2.07
CA CYS B 226 5.51 11.55 1.89
C CYS B 226 5.37 11.96 0.43
N GLU B 227 5.54 11.01 -0.49
CA GLU B 227 5.41 11.28 -1.92
C GLU B 227 3.93 11.52 -2.31
N LEU B 229 1.51 12.64 -0.22
CA LEU B 229 1.21 13.97 0.29
C LEU B 229 1.70 15.04 -0.68
N SER B 230 2.94 14.90 -1.15
CA SER B 230 3.57 15.89 -2.03
C SER B 230 2.80 16.05 -3.36
N ASN B 231 2.30 14.94 -3.89
CA ASN B 231 1.42 14.95 -5.06
C ASN B 231 0.23 15.87 -4.91
N PHE B 232 -0.49 15.73 -3.80
CA PHE B 232 -1.60 16.63 -3.45
C PHE B 232 -1.33 18.12 -3.72
N LEU B 233 -0.05 18.52 -3.73
CA LEU B 233 0.37 19.89 -4.05
C LEU B 233 0.84 20.05 -5.51
N LYS B 234 1.52 19.03 -6.03
CA LYS B 234 2.05 19.04 -7.40
C LYS B 234 2.37 17.63 -7.90
#